data_3WWE
#
_entry.id   3WWE
#
_cell.length_a   58.392
_cell.length_b   65.469
_cell.length_c   84.446
_cell.angle_alpha   90.00
_cell.angle_beta   90.00
_cell.angle_gamma   90.00
#
_symmetry.space_group_name_H-M   'P 21 21 21'
#
loop_
_entity.id
_entity.type
_entity.pdbx_description
1 polymer 'Oxidized polyvinyl alcohol hydrolase'
2 non-polymer 2-(2-ETHOXYETHOXY)ETHANOL
3 water water
#
_entity_poly.entity_id   1
_entity_poly.type   'polypeptide(L)'
_entity_poly.pdbx_seq_one_letter_code
;AGAGADRTAATPAAANPAATEPVKWECPAGYEVKEGLNVDFPHKGMKRAFIVYPAKNVSGPAPVWVPMTGSVESTNDNLT
VARSGANSILADHGYTVIAPVRACANQDPNIRGERCNGPGSNGWNWNPWFEGRAADPSGEHWKNDEGPDSSFFVAMVQCV
GTKYKLDARRLFLGGISSGGTMTNRALLFRSNFWAGGLPISGEWYVTSDDGTPLSFDDARAAVAAAPTKIHQGRVGPYPL
PAKVGPLIVMTVWGGEKDLWNCTRPDGSRFLCADYRPSTQAGSNFFSAQPDVVHVACSSTHGHMWPQLNTQEFNRWALDT
LASHPKGSDPRSFKLTQPPEGYTCHVGPFTGLYASAWSHPQFEK
;
_entity_poly.pdbx_strand_id   A
#
loop_
_chem_comp.id
_chem_comp.type
_chem_comp.name
_chem_comp.formula
AE3 non-polymer 2-(2-ETHOXYETHOXY)ETHANOL 'C6 H14 O3'
#
# COMPACT_ATOMS: atom_id res chain seq x y z
N LYS A 24 -14.88 -18.34 5.54
CA LYS A 24 -13.55 -17.76 5.25
C LYS A 24 -13.09 -16.88 6.44
N TRP A 25 -13.92 -16.77 7.46
CA TRP A 25 -13.62 -16.04 8.69
C TRP A 25 -13.13 -17.11 9.66
N GLU A 26 -11.91 -16.95 10.18
CA GLU A 26 -11.34 -17.93 11.15
C GLU A 26 -10.04 -17.42 11.77
N CYS A 27 -9.74 -17.91 12.96
CA CYS A 27 -8.54 -17.52 13.71
C CYS A 27 -7.73 -18.74 13.97
N PRO A 28 -6.41 -18.55 14.15
CA PRO A 28 -5.54 -19.69 14.44
C PRO A 28 -6.21 -20.29 15.70
N ALA A 29 -6.26 -21.62 15.80
CA ALA A 29 -6.94 -22.26 16.94
C ALA A 29 -6.56 -21.63 18.27
N GLY A 30 -7.59 -21.26 19.03
CA GLY A 30 -7.41 -20.67 20.35
C GLY A 30 -7.04 -19.19 20.36
N TYR A 31 -7.01 -18.52 19.20
CA TYR A 31 -6.67 -17.09 19.28
C TYR A 31 -7.92 -16.24 19.53
N GLU A 32 -7.90 -15.43 20.57
CA GLU A 32 -9.02 -14.57 20.93
C GLU A 32 -8.73 -13.13 20.46
N VAL A 33 -9.38 -12.68 19.40
CA VAL A 33 -9.13 -11.34 18.89
C VAL A 33 -9.81 -10.33 19.77
N LYS A 34 -9.22 -9.15 19.93
CA LYS A 34 -9.86 -8.14 20.77
C LYS A 34 -9.80 -6.75 20.15
N GLU A 35 -10.54 -5.80 20.75
CA GLU A 35 -10.47 -4.41 20.30
C GLU A 35 -9.11 -3.96 20.83
N GLY A 36 -8.49 -2.99 20.15
CA GLY A 36 -7.20 -2.52 20.57
C GLY A 36 -6.05 -3.38 20.05
N LEU A 37 -4.98 -3.39 20.83
CA LEU A 37 -3.78 -4.12 20.47
C LEU A 37 -3.91 -5.63 20.59
N ASN A 38 -3.52 -6.35 19.54
CA ASN A 38 -3.48 -7.82 19.52
C ASN A 38 -2.05 -8.24 19.28
N VAL A 39 -1.53 -9.13 20.13
CA VAL A 39 -0.17 -9.59 20.03
C VAL A 39 -0.09 -11.10 19.96
N ASP A 40 1.12 -11.56 19.62
CA ASP A 40 1.45 -12.97 19.45
C ASP A 40 0.56 -13.75 18.51
N PHE A 41 0.09 -13.09 17.44
CA PHE A 41 -0.73 -13.74 16.42
C PHE A 41 0.23 -14.67 15.63
N PRO A 42 -0.08 -15.97 15.60
CA PRO A 42 0.85 -16.86 14.88
C PRO A 42 0.66 -16.93 13.39
N HIS A 43 1.73 -16.66 12.66
CA HIS A 43 1.67 -16.73 11.24
C HIS A 43 3.04 -17.10 10.64
N LYS A 44 3.07 -18.18 9.88
CA LYS A 44 4.28 -18.66 9.25
C LYS A 44 5.50 -18.67 10.15
N GLY A 45 5.34 -19.22 11.36
CA GLY A 45 6.46 -19.30 12.29
C GLY A 45 6.82 -17.99 12.94
N MET A 46 6.03 -16.94 12.66
CA MET A 46 6.28 -15.63 13.28
C MET A 46 5.19 -15.30 14.28
N LYS A 47 5.44 -14.33 15.15
CA LYS A 47 4.48 -13.85 16.17
C LYS A 47 4.23 -12.42 15.71
N ARG A 48 3.00 -12.09 15.32
CA ARG A 48 2.69 -10.74 14.80
C ARG A 48 1.69 -9.99 15.65
N ALA A 49 1.60 -8.67 15.41
CA ALA A 49 0.64 -7.90 16.17
C ALA A 49 -0.10 -6.97 15.27
N PHE A 50 -1.28 -6.52 15.70
CA PHE A 50 -2.09 -5.57 14.91
C PHE A 50 -3.07 -4.93 15.88
N ILE A 51 -3.62 -3.77 15.49
CA ILE A 51 -4.54 -3.01 16.31
C ILE A 51 -5.87 -2.90 15.58
N VAL A 52 -6.95 -3.12 16.33
CA VAL A 52 -8.28 -3.11 15.77
C VAL A 52 -9.10 -1.98 16.37
N TYR A 53 -9.76 -1.19 15.49
CA TYR A 53 -10.67 -0.08 15.88
C TYR A 53 -11.96 -0.37 15.15
N PRO A 54 -12.94 -0.97 15.85
CA PRO A 54 -14.24 -1.33 15.27
C PRO A 54 -14.94 -0.09 14.74
N ALA A 55 -15.69 -0.26 13.66
CA ALA A 55 -16.43 0.86 13.04
C ALA A 55 -17.52 1.40 13.95
N LYS A 56 -17.79 2.69 13.79
CA LYS A 56 -18.83 3.37 14.55
C LYS A 56 -19.96 3.70 13.61
N ASN A 57 -21.16 3.82 14.17
CA ASN A 57 -22.40 4.19 13.45
C ASN A 57 -22.71 3.28 12.28
N VAL A 58 -22.49 1.98 12.49
CA VAL A 58 -22.73 1.02 11.43
C VAL A 58 -23.53 -0.22 11.84
N SER A 59 -24.53 -0.55 11.05
CA SER A 59 -25.33 -1.73 11.28
C SER A 59 -24.90 -2.76 10.18
N GLY A 60 -24.65 -4.00 10.58
CA GLY A 60 -24.24 -4.98 9.61
C GLY A 60 -22.76 -4.93 9.28
N PRO A 61 -22.30 -5.66 8.25
CA PRO A 61 -20.89 -5.68 7.85
C PRO A 61 -20.31 -4.30 7.55
N ALA A 62 -19.15 -4.05 8.10
CA ALA A 62 -18.51 -2.77 7.94
C ALA A 62 -17.39 -2.86 6.93
N PRO A 63 -17.11 -1.76 6.18
CA PRO A 63 -16.01 -1.92 5.24
C PRO A 63 -14.77 -1.83 6.11
N VAL A 64 -13.67 -2.42 5.62
CA VAL A 64 -12.40 -2.53 6.35
C VAL A 64 -11.29 -1.68 5.81
N TRP A 65 -10.56 -0.98 6.70
CA TRP A 65 -9.44 -0.17 6.26
C TRP A 65 -8.17 -0.74 6.93
N VAL A 66 -7.17 -1.10 6.13
CA VAL A 66 -5.94 -1.65 6.67
C VAL A 66 -4.79 -0.66 6.34
N PRO A 67 -4.54 0.31 7.23
CA PRO A 67 -3.48 1.30 7.04
C PRO A 67 -2.09 0.79 7.43
N MET A 68 -1.08 1.13 6.61
CA MET A 68 0.28 0.72 6.93
C MET A 68 1.20 1.90 6.98
N THR A 69 1.98 1.99 8.08
CA THR A 69 2.95 3.07 8.23
C THR A 69 4.11 2.85 7.24
N GLY A 70 5.06 3.79 7.22
CA GLY A 70 6.21 3.71 6.35
C GLY A 70 7.48 3.22 7.05
N SER A 71 8.56 3.93 6.76
CA SER A 71 9.83 3.51 7.27
C SER A 71 10.20 4.02 8.60
N VAL A 72 9.69 5.21 8.89
CA VAL A 72 10.06 5.89 10.10
C VAL A 72 8.96 6.19 11.11
N GLU A 73 7.72 6.35 10.66
CA GLU A 73 6.68 6.62 11.62
C GLU A 73 6.20 5.30 12.24
N SER A 74 5.83 5.33 13.51
CA SER A 74 5.37 4.11 14.16
C SER A 74 3.96 3.85 13.70
N THR A 75 3.47 2.65 13.95
CA THR A 75 2.13 2.30 13.58
C THR A 75 1.19 3.19 14.39
N ASN A 76 1.56 3.44 15.64
CA ASN A 76 0.78 4.30 16.50
C ASN A 76 0.68 5.74 15.97
N ASP A 77 1.79 6.23 15.43
CA ASP A 77 1.80 7.57 14.83
C ASP A 77 0.79 7.53 13.66
N ASN A 78 0.96 6.57 12.74
CA ASN A 78 0.11 6.39 11.57
C ASN A 78 -1.35 6.42 11.97
N LEU A 79 -1.64 5.79 13.11
CA LEU A 79 -2.99 5.68 13.62
C LEU A 79 -3.50 6.87 14.37
N THR A 80 -2.63 7.56 15.10
CA THR A 80 -3.12 8.66 15.93
C THR A 80 -2.45 10.02 15.84
N VAL A 81 -1.42 10.19 15.03
CA VAL A 81 -0.81 11.53 14.96
C VAL A 81 -1.37 12.19 13.71
N ALA A 82 -1.91 13.38 13.90
CA ALA A 82 -2.49 14.13 12.82
C ALA A 82 -1.63 14.19 11.58
N ARG A 83 -0.42 14.70 11.71
CA ARG A 83 0.45 14.85 10.57
C ARG A 83 0.84 13.51 9.95
N SER A 84 0.61 12.41 10.66
CA SER A 84 0.93 11.10 10.11
C SER A 84 -0.28 10.39 9.51
N GLY A 85 -1.46 11.03 9.55
CA GLY A 85 -2.68 10.43 8.97
C GLY A 85 -3.83 10.15 9.93
N ALA A 86 -3.49 10.00 11.20
CA ALA A 86 -4.44 9.66 12.26
C ALA A 86 -5.48 8.68 11.69
N ASN A 87 -5.02 7.58 11.12
CA ASN A 87 -5.90 6.61 10.48
C ASN A 87 -6.99 5.96 11.34
N SER A 88 -6.76 5.91 12.65
CA SER A 88 -7.70 5.32 13.59
C SER A 88 -9.06 6.06 13.56
N ILE A 89 -9.01 7.34 13.23
CA ILE A 89 -10.22 8.18 13.15
C ILE A 89 -11.24 7.63 12.11
N LEU A 90 -10.78 6.88 11.12
CA LEU A 90 -11.76 6.38 10.15
C LEU A 90 -12.77 5.40 10.78
N ALA A 91 -12.50 4.91 12.01
CA ALA A 91 -13.46 4.02 12.67
C ALA A 91 -14.69 4.92 13.04
N ASP A 92 -14.44 6.21 13.24
CA ASP A 92 -15.52 7.13 13.54
C ASP A 92 -16.24 7.47 12.26
N HIS A 93 -15.61 7.16 11.14
CA HIS A 93 -16.18 7.39 9.84
C HIS A 93 -16.87 6.12 9.33
N GLY A 94 -16.93 5.09 10.18
CA GLY A 94 -17.64 3.89 9.79
C GLY A 94 -16.86 2.75 9.16
N TYR A 95 -15.56 2.69 9.46
CA TYR A 95 -14.74 1.62 8.91
C TYR A 95 -14.11 0.89 10.07
N THR A 96 -14.04 -0.42 9.97
CA THR A 96 -13.32 -1.16 11.01
C THR A 96 -11.86 -1.13 10.59
N VAL A 97 -11.05 -0.48 11.40
CA VAL A 97 -9.65 -0.31 11.08
C VAL A 97 -8.77 -1.40 11.70
N ILE A 98 -7.96 -2.07 10.88
CA ILE A 98 -7.15 -3.19 11.40
C ILE A 98 -5.75 -2.91 10.92
N ALA A 99 -4.91 -2.48 11.86
CA ALA A 99 -3.59 -2.03 11.58
C ALA A 99 -2.45 -2.95 11.92
N PRO A 100 -1.74 -3.44 10.89
CA PRO A 100 -0.61 -4.34 11.20
C PRO A 100 0.59 -3.60 11.72
N VAL A 101 1.28 -4.26 12.66
CA VAL A 101 2.54 -3.77 13.18
C VAL A 101 3.61 -4.48 12.33
N ARG A 102 4.63 -3.73 11.89
CA ARG A 102 5.76 -4.20 11.09
C ARG A 102 6.57 -5.28 11.85
N ALA A 103 7.03 -6.31 11.13
CA ALA A 103 7.79 -7.40 11.74
C ALA A 103 9.08 -6.92 12.45
N CYS A 104 9.77 -5.94 11.86
CA CYS A 104 11.01 -5.44 12.41
C CYS A 104 10.77 -4.68 13.73
N ALA A 105 9.54 -4.26 13.99
CA ALA A 105 9.23 -3.56 15.26
C ALA A 105 9.02 -4.53 16.42
N ASN A 106 9.13 -5.84 16.15
CA ASN A 106 8.98 -6.78 17.25
C ASN A 106 7.75 -6.54 18.12
N GLN A 107 6.62 -6.41 17.43
CA GLN A 107 5.31 -6.22 18.02
C GLN A 107 5.07 -4.94 18.77
N ASP A 108 6.00 -4.01 18.66
CA ASP A 108 5.83 -2.77 19.42
C ASP A 108 5.24 -1.70 18.54
N PRO A 109 3.97 -1.34 18.76
CA PRO A 109 3.35 -0.31 17.91
C PRO A 109 3.93 1.10 17.97
N ASN A 110 4.87 1.31 18.90
CA ASN A 110 5.53 2.60 19.11
C ASN A 110 6.90 2.76 18.47
N ILE A 111 7.49 1.64 18.05
CA ILE A 111 8.78 1.69 17.36
C ILE A 111 8.65 2.57 16.13
N ARG A 112 9.65 3.42 15.92
CA ARG A 112 9.62 4.32 14.80
C ARG A 112 10.61 3.80 13.73
N GLY A 113 11.81 4.40 13.62
CA GLY A 113 12.72 3.90 12.61
C GLY A 113 13.69 2.85 13.15
N GLU A 114 13.70 2.62 14.48
CA GLU A 114 14.65 1.70 15.10
C GLU A 114 14.53 0.29 14.51
N ARG A 115 15.63 -0.16 13.88
CA ARG A 115 15.67 -1.47 13.28
C ARG A 115 14.69 -1.70 12.15
N CYS A 116 14.03 -0.65 11.66
CA CYS A 116 13.06 -0.84 10.58
C CYS A 116 13.49 -0.05 9.33
N ASN A 117 13.98 1.15 9.57
CA ASN A 117 14.37 2.07 8.53
C ASN A 117 15.74 1.76 7.99
N GLY A 118 15.78 0.87 7.01
CA GLY A 118 17.02 0.43 6.39
C GLY A 118 16.79 -0.71 5.41
N PRO A 119 17.85 -1.17 4.71
CA PRO A 119 17.77 -2.26 3.71
C PRO A 119 17.24 -3.56 4.30
N GLY A 120 16.49 -4.34 3.52
CA GLY A 120 15.98 -5.57 4.07
C GLY A 120 17.01 -6.68 4.14
N SER A 121 16.57 -7.85 4.61
CA SER A 121 17.46 -9.03 4.72
C SER A 121 16.72 -10.18 4.15
N ASN A 122 17.40 -11.31 4.00
CA ASN A 122 16.75 -12.53 3.49
C ASN A 122 16.03 -12.47 2.15
N GLY A 123 16.56 -11.66 1.22
CA GLY A 123 15.99 -11.56 -0.10
C GLY A 123 15.08 -10.37 -0.24
N TRP A 124 14.79 -9.67 0.87
CA TRP A 124 13.91 -8.52 0.81
C TRP A 124 14.65 -7.22 0.54
N ASN A 125 14.06 -6.37 -0.29
CA ASN A 125 14.73 -5.13 -0.56
C ASN A 125 14.84 -4.12 0.59
N TRP A 126 13.71 -3.90 1.28
CA TRP A 126 13.58 -2.89 2.34
C TRP A 126 12.96 -3.52 3.61
N ASN A 127 13.57 -3.26 4.77
CA ASN A 127 13.12 -3.86 6.03
C ASN A 127 11.76 -3.60 6.70
N PRO A 128 11.14 -2.40 6.56
CA PRO A 128 9.83 -2.11 7.19
C PRO A 128 8.72 -3.18 6.91
N TRP A 129 8.61 -3.61 5.67
CA TRP A 129 7.61 -4.60 5.24
C TRP A 129 8.30 -5.47 4.19
N PHE A 130 7.77 -6.69 4.00
CA PHE A 130 8.30 -7.61 3.01
C PHE A 130 7.59 -7.15 1.77
N GLU A 131 8.05 -6.02 1.22
CA GLU A 131 7.36 -5.41 0.08
C GLU A 131 8.01 -5.43 -1.29
N GLY A 132 9.19 -6.05 -1.39
CA GLY A 132 9.88 -6.13 -2.67
C GLY A 132 11.08 -7.05 -2.67
N ARG A 133 11.40 -7.71 -3.77
CA ARG A 133 12.59 -8.61 -3.80
C ARG A 133 13.82 -7.75 -3.95
N ALA A 134 14.89 -8.18 -3.29
CA ALA A 134 16.16 -7.48 -3.30
C ALA A 134 16.75 -7.54 -4.70
N ALA A 135 17.64 -6.61 -4.96
CA ALA A 135 18.28 -6.52 -6.26
C ALA A 135 19.23 -7.67 -6.58
N ASP A 136 19.67 -8.42 -5.58
CA ASP A 136 20.58 -9.50 -5.86
C ASP A 136 19.88 -10.84 -5.97
N PRO A 137 20.61 -11.89 -6.39
CA PRO A 137 19.99 -13.23 -6.52
C PRO A 137 19.29 -13.78 -5.31
N SER A 138 19.54 -13.27 -4.12
CA SER A 138 18.83 -13.80 -2.97
C SER A 138 17.33 -13.44 -3.03
N GLY A 139 16.94 -12.47 -3.87
CA GLY A 139 15.52 -12.12 -3.96
C GLY A 139 14.73 -13.01 -4.94
N GLU A 140 15.46 -13.82 -5.69
CA GLU A 140 14.86 -14.68 -6.70
C GLU A 140 13.59 -15.36 -6.27
N HIS A 141 13.64 -16.00 -5.10
CA HIS A 141 12.49 -16.75 -4.64
C HIS A 141 11.19 -15.94 -4.52
N TRP A 142 11.33 -14.69 -4.07
CA TRP A 142 10.18 -13.82 -3.91
C TRP A 142 9.56 -13.32 -5.24
N LYS A 143 10.11 -13.77 -6.38
CA LYS A 143 9.59 -13.45 -7.72
C LYS A 143 8.24 -14.14 -7.87
N ASN A 144 8.16 -15.26 -7.15
CA ASN A 144 7.04 -16.18 -7.19
C ASN A 144 6.29 -16.32 -5.86
N ASP A 145 6.72 -15.68 -4.80
CA ASP A 145 6.05 -15.91 -3.48
C ASP A 145 5.67 -14.63 -2.79
N GLU A 146 4.38 -14.48 -2.45
CA GLU A 146 3.90 -13.23 -1.85
C GLU A 146 4.71 -12.70 -0.65
N GLY A 147 5.32 -13.61 0.11
CA GLY A 147 6.01 -13.16 1.30
C GLY A 147 5.13 -13.20 2.54
N PRO A 148 5.77 -13.15 3.72
CA PRO A 148 4.97 -13.23 4.96
C PRO A 148 4.04 -12.10 5.39
N ASP A 149 4.23 -10.88 4.86
CA ASP A 149 3.31 -9.82 5.20
C ASP A 149 2.02 -9.95 4.43
N SER A 150 2.13 -10.11 3.13
CA SER A 150 0.92 -10.23 2.32
C SER A 150 0.02 -11.32 2.87
N SER A 151 0.59 -12.46 3.23
CA SER A 151 -0.31 -13.55 3.70
C SER A 151 -0.79 -13.27 5.15
N PHE A 152 0.07 -12.61 5.94
CA PHE A 152 -0.29 -12.29 7.32
C PHE A 152 -1.50 -11.38 7.31
N PHE A 153 -1.50 -10.38 6.44
CA PHE A 153 -2.61 -9.44 6.35
C PHE A 153 -3.97 -10.14 6.06
N VAL A 154 -3.96 -11.15 5.21
CA VAL A 154 -5.20 -11.87 4.89
C VAL A 154 -5.68 -12.67 6.14
N ALA A 155 -4.79 -13.45 6.75
CA ALA A 155 -5.17 -14.19 7.95
C ALA A 155 -5.63 -13.25 9.06
N MET A 156 -4.99 -12.08 9.16
CA MET A 156 -5.33 -11.09 10.17
C MET A 156 -6.77 -10.67 9.99
N VAL A 157 -7.11 -10.29 8.76
CA VAL A 157 -8.44 -9.84 8.45
C VAL A 157 -9.45 -10.99 8.60
N GLN A 158 -9.08 -12.19 8.18
CA GLN A 158 -10.00 -13.30 8.38
C GLN A 158 -10.25 -13.58 9.84
N CYS A 159 -9.22 -13.42 10.66
CA CYS A 159 -9.40 -13.66 12.08
C CYS A 159 -10.28 -12.58 12.74
N VAL A 160 -10.06 -11.30 12.42
CA VAL A 160 -10.86 -10.24 13.04
C VAL A 160 -12.33 -10.38 12.70
N GLY A 161 -12.60 -10.88 11.50
CA GLY A 161 -13.97 -11.01 11.02
C GLY A 161 -14.78 -12.09 11.70
N THR A 162 -14.16 -12.88 12.58
CA THR A 162 -14.91 -13.89 13.32
C THR A 162 -15.44 -13.12 14.51
N LYS A 163 -14.88 -11.94 14.81
CA LYS A 163 -15.39 -11.18 15.96
C LYS A 163 -16.17 -9.92 15.63
N TYR A 164 -15.89 -9.34 14.47
CA TYR A 164 -16.60 -8.14 14.08
C TYR A 164 -17.15 -8.39 12.68
N LYS A 165 -18.28 -7.78 12.34
CA LYS A 165 -18.86 -7.97 11.01
C LYS A 165 -18.11 -7.15 10.00
N LEU A 166 -17.45 -7.84 9.08
CA LEU A 166 -16.66 -7.23 8.01
C LEU A 166 -17.30 -7.45 6.65
N ASP A 167 -17.36 -6.40 5.84
CA ASP A 167 -17.94 -6.53 4.51
C ASP A 167 -16.87 -7.08 3.55
N ALA A 168 -17.03 -8.35 3.18
CA ALA A 168 -16.09 -9.08 2.34
C ALA A 168 -15.88 -8.48 0.96
N ARG A 169 -16.80 -7.59 0.55
CA ARG A 169 -16.66 -6.93 -0.73
C ARG A 169 -15.97 -5.55 -0.58
N ARG A 170 -15.55 -5.20 0.64
CA ARG A 170 -14.90 -3.90 0.86
C ARG A 170 -13.74 -3.97 1.87
N LEU A 171 -12.82 -4.90 1.61
CA LEU A 171 -11.58 -5.08 2.38
C LEU A 171 -10.55 -4.24 1.60
N PHE A 172 -10.14 -3.10 2.17
CA PHE A 172 -9.16 -2.25 1.51
C PHE A 172 -7.96 -2.09 2.38
N LEU A 173 -6.78 -2.03 1.77
CA LEU A 173 -5.56 -1.75 2.55
C LEU A 173 -4.86 -0.57 1.87
N GLY A 174 -3.90 0.05 2.55
CA GLY A 174 -3.23 1.20 1.94
C GLY A 174 -2.11 1.61 2.87
N GLY A 175 -1.27 2.51 2.40
CA GLY A 175 -0.18 2.96 3.23
C GLY A 175 0.66 4.04 2.54
N ILE A 176 1.65 4.51 3.27
CA ILE A 176 2.55 5.54 2.82
C ILE A 176 3.99 5.03 2.65
N SER A 177 4.66 5.43 1.57
CA SER A 177 6.05 5.09 1.38
C SER A 177 6.20 3.56 1.36
N SER A 178 7.01 3.00 2.26
CA SER A 178 7.18 1.55 2.28
C SER A 178 5.81 0.86 2.44
N GLY A 179 4.93 1.45 3.27
CA GLY A 179 3.57 0.90 3.41
C GLY A 179 2.84 0.96 2.07
N GLY A 180 3.14 1.99 1.26
CA GLY A 180 2.56 2.12 -0.08
C GLY A 180 3.12 1.08 -1.03
N THR A 181 4.41 0.78 -0.89
CA THR A 181 5.01 -0.26 -1.74
C THR A 181 4.35 -1.63 -1.36
N MET A 182 4.15 -1.85 -0.06
CA MET A 182 3.56 -3.08 0.43
C MET A 182 2.10 -3.13 -0.11
N THR A 183 1.41 -2.01 -0.18
CA THR A 183 0.05 -2.04 -0.71
C THR A 183 0.07 -2.55 -2.19
N ASN A 184 1.02 -2.04 -3.00
CA ASN A 184 1.14 -2.41 -4.41
C ASN A 184 1.39 -3.92 -4.43
N ARG A 185 2.34 -4.39 -3.64
CA ARG A 185 2.63 -5.83 -3.61
C ARG A 185 1.40 -6.66 -3.23
N ALA A 186 0.72 -6.26 -2.16
CA ALA A 186 -0.45 -7.01 -1.70
C ALA A 186 -1.51 -7.13 -2.75
N LEU A 187 -1.68 -6.05 -3.54
CA LEU A 187 -2.70 -6.00 -4.58
C LEU A 187 -2.34 -6.89 -5.71
N LEU A 188 -1.05 -7.03 -6.01
CA LEU A 188 -0.64 -7.84 -7.11
C LEU A 188 -0.72 -9.35 -6.82
N PHE A 189 -0.47 -9.75 -5.57
CA PHE A 189 -0.51 -11.19 -5.22
C PHE A 189 -1.88 -11.66 -4.67
N ARG A 190 -2.67 -10.76 -4.08
CA ARG A 190 -3.95 -11.12 -3.50
C ARG A 190 -5.11 -10.33 -4.11
N SER A 191 -5.11 -10.12 -5.42
CA SER A 191 -6.19 -9.38 -6.06
C SER A 191 -7.55 -10.11 -5.99
N ASN A 192 -7.56 -11.34 -5.48
CA ASN A 192 -8.85 -12.04 -5.30
C ASN A 192 -9.37 -11.91 -3.88
N PHE A 193 -8.62 -11.23 -3.02
CA PHE A 193 -9.09 -11.04 -1.63
C PHE A 193 -9.50 -9.56 -1.37
N TRP A 194 -8.51 -8.66 -1.49
CA TRP A 194 -8.73 -7.26 -1.24
C TRP A 194 -9.72 -6.73 -2.25
N ALA A 195 -10.53 -5.75 -1.87
CA ALA A 195 -11.43 -5.15 -2.83
C ALA A 195 -10.73 -4.01 -3.56
N GLY A 196 -9.59 -3.55 -3.03
CA GLY A 196 -8.88 -2.42 -3.66
C GLY A 196 -7.86 -1.87 -2.69
N GLY A 197 -7.27 -0.71 -2.97
CA GLY A 197 -6.31 -0.18 -2.05
C GLY A 197 -5.82 1.24 -2.32
N LEU A 198 -5.03 1.77 -1.38
CA LEU A 198 -4.51 3.15 -1.52
C LEU A 198 -2.99 3.32 -1.29
N PRO A 199 -2.18 2.95 -2.32
CA PRO A 199 -0.72 3.06 -2.29
C PRO A 199 -0.34 4.57 -2.49
N ILE A 200 0.13 5.19 -1.42
CA ILE A 200 0.54 6.60 -1.38
C ILE A 200 2.07 6.57 -1.40
N SER A 201 2.61 7.09 -2.48
CA SER A 201 4.05 7.12 -2.78
C SER A 201 4.72 5.82 -2.44
N GLY A 202 4.25 4.76 -3.08
CA GLY A 202 4.85 3.46 -2.87
C GLY A 202 5.80 3.20 -4.04
N GLU A 203 6.82 2.37 -3.87
CA GLU A 203 7.71 2.03 -4.98
C GLU A 203 7.10 0.93 -5.86
N TRP A 204 7.73 0.72 -7.00
CA TRP A 204 7.39 -0.29 -7.98
C TRP A 204 8.68 -1.09 -8.25
N TYR A 205 9.83 -0.50 -7.93
CA TYR A 205 11.12 -1.14 -8.18
C TYR A 205 11.23 -1.64 -9.59
N VAL A 206 11.05 -0.71 -10.51
CA VAL A 206 11.07 -1.03 -11.92
C VAL A 206 12.26 -1.91 -12.33
N THR A 207 11.99 -2.93 -13.14
CA THR A 207 13.07 -3.78 -13.64
C THR A 207 12.88 -3.82 -15.17
N SER A 208 13.84 -4.43 -15.87
CA SER A 208 13.70 -4.61 -17.32
C SER A 208 12.62 -5.67 -17.55
N ASP A 209 12.17 -5.83 -18.81
CA ASP A 209 11.12 -6.81 -19.12
C ASP A 209 11.54 -8.20 -18.69
N ASP A 210 12.82 -8.53 -18.78
CA ASP A 210 13.27 -9.88 -18.40
C ASP A 210 13.48 -10.04 -16.90
N GLY A 211 13.04 -9.07 -16.11
CA GLY A 211 13.17 -9.20 -14.67
C GLY A 211 14.48 -8.70 -14.11
N THR A 212 15.42 -8.26 -14.96
CA THR A 212 16.70 -7.76 -14.45
C THR A 212 16.51 -6.54 -13.56
N PRO A 213 16.97 -6.65 -12.29
CA PRO A 213 16.87 -5.55 -11.34
C PRO A 213 17.64 -4.38 -11.95
N LEU A 214 17.13 -3.16 -11.77
CA LEU A 214 17.83 -1.98 -12.28
C LEU A 214 18.22 -1.08 -11.11
N SER A 215 19.35 -0.37 -11.25
CA SER A 215 19.77 0.58 -10.22
C SER A 215 18.69 1.69 -10.11
N PHE A 216 18.77 2.46 -9.02
CA PHE A 216 17.84 3.57 -8.87
C PHE A 216 17.89 4.49 -10.15
N ASP A 217 19.07 4.82 -10.62
CA ASP A 217 19.16 5.69 -11.77
C ASP A 217 18.60 5.13 -13.06
N ASP A 218 18.81 3.84 -13.29
CA ASP A 218 18.36 3.17 -14.53
C ASP A 218 16.88 2.92 -14.50
N ALA A 219 16.36 2.59 -13.31
CA ALA A 219 14.92 2.37 -13.14
C ALA A 219 14.19 3.67 -13.43
N ARG A 220 14.76 4.78 -12.98
CA ARG A 220 14.15 6.07 -13.15
C ARG A 220 14.16 6.46 -14.63
N ALA A 221 15.25 6.15 -15.32
CA ALA A 221 15.43 6.48 -16.74
C ALA A 221 14.57 5.61 -17.60
N ALA A 222 14.39 4.36 -17.17
CA ALA A 222 13.58 3.41 -17.94
C ALA A 222 12.12 3.88 -18.10
N VAL A 223 11.50 4.40 -17.03
CA VAL A 223 10.13 4.91 -17.15
C VAL A 223 10.09 6.25 -17.94
N ALA A 224 11.04 7.12 -17.69
CA ALA A 224 11.08 8.39 -18.42
C ALA A 224 11.18 8.05 -19.91
N ALA A 225 11.94 7.02 -20.28
CA ALA A 225 11.99 6.69 -21.71
C ALA A 225 10.70 6.05 -22.24
N ALA A 226 9.83 5.54 -21.37
CA ALA A 226 8.61 4.88 -21.87
C ALA A 226 7.54 5.01 -20.80
N PRO A 227 7.16 6.26 -20.51
CA PRO A 227 6.16 6.62 -19.48
C PRO A 227 4.78 6.02 -19.59
N THR A 228 4.37 5.48 -20.74
CA THR A 228 3.01 4.94 -20.77
C THR A 228 3.06 3.41 -20.89
N LYS A 229 4.22 2.81 -20.74
CA LYS A 229 4.20 1.34 -20.96
C LYS A 229 4.09 0.60 -19.65
N ILE A 230 3.79 -0.68 -19.72
CA ILE A 230 3.71 -1.47 -18.50
C ILE A 230 5.12 -1.95 -18.12
N HIS A 231 5.57 -1.55 -16.96
CA HIS A 231 6.91 -1.91 -16.49
C HIS A 231 6.88 -3.00 -15.44
N GLN A 232 7.77 -3.97 -15.61
CA GLN A 232 7.86 -5.05 -14.62
C GLN A 232 8.44 -4.36 -13.36
N GLY A 233 8.36 -5.05 -12.22
CA GLY A 233 8.92 -4.46 -11.01
C GLY A 233 9.09 -5.48 -9.92
N ARG A 234 10.15 -5.26 -9.13
CA ARG A 234 10.50 -6.10 -8.01
C ARG A 234 9.44 -6.08 -6.88
N VAL A 235 8.53 -5.09 -6.92
CA VAL A 235 7.44 -4.97 -5.93
C VAL A 235 6.51 -6.18 -6.08
N GLY A 236 6.39 -6.71 -7.30
CA GLY A 236 5.44 -7.82 -7.46
C GLY A 236 5.93 -9.13 -8.05
N PRO A 237 5.01 -9.96 -8.54
CA PRO A 237 5.36 -11.24 -9.13
C PRO A 237 6.17 -10.95 -10.34
N TYR A 238 7.04 -11.87 -10.72
CA TYR A 238 7.76 -11.66 -11.97
C TYR A 238 7.48 -12.86 -12.87
N PRO A 239 6.85 -12.67 -14.04
CA PRO A 239 6.37 -11.43 -14.63
C PRO A 239 5.12 -10.99 -13.88
N LEU A 240 4.73 -9.73 -14.04
CA LEU A 240 3.52 -9.28 -13.33
C LEU A 240 2.36 -10.12 -13.88
N PRO A 241 1.24 -10.23 -13.13
CA PRO A 241 0.12 -11.03 -13.63
C PRO A 241 -0.59 -10.45 -14.87
N ALA A 242 -0.99 -11.32 -15.80
CA ALA A 242 -1.67 -10.91 -17.03
C ALA A 242 -3.01 -10.31 -16.67
N LYS A 243 -3.64 -10.92 -15.67
CA LYS A 243 -4.95 -10.49 -15.23
C LYS A 243 -5.15 -10.57 -13.72
N VAL A 244 -5.69 -9.52 -13.11
CA VAL A 244 -5.89 -9.57 -11.68
C VAL A 244 -7.36 -9.54 -11.37
N GLY A 245 -7.69 -9.92 -10.14
CA GLY A 245 -9.07 -9.89 -9.68
C GLY A 245 -9.61 -8.45 -9.72
N PRO A 246 -10.92 -8.25 -9.52
CA PRO A 246 -11.61 -6.96 -9.54
C PRO A 246 -11.19 -6.09 -8.41
N LEU A 247 -10.84 -4.84 -8.72
CA LEU A 247 -10.34 -3.90 -7.73
C LEU A 247 -10.52 -2.45 -8.06
N ILE A 248 -10.33 -1.61 -7.04
CA ILE A 248 -10.26 -0.19 -7.29
C ILE A 248 -8.97 0.15 -6.59
N VAL A 249 -8.09 0.84 -7.31
CA VAL A 249 -6.83 1.26 -6.76
C VAL A 249 -6.67 2.76 -6.94
N MET A 250 -6.23 3.46 -5.88
CA MET A 250 -6.01 4.88 -5.95
C MET A 250 -4.56 5.12 -5.57
N THR A 251 -3.73 5.43 -6.56
CA THR A 251 -2.33 5.68 -6.30
C THR A 251 -2.15 7.19 -6.09
N VAL A 252 -1.29 7.61 -5.17
CA VAL A 252 -1.13 9.06 -4.91
C VAL A 252 0.33 9.41 -5.04
N TRP A 253 0.57 10.56 -5.69
CA TRP A 253 1.89 11.11 -5.95
C TRP A 253 1.94 12.48 -5.23
N GLY A 254 2.98 12.73 -4.44
CA GLY A 254 3.04 13.98 -3.67
C GLY A 254 3.74 15.15 -4.34
N GLY A 255 3.90 15.05 -5.66
CA GLY A 255 4.53 16.10 -6.46
C GLY A 255 6.08 16.05 -6.55
N GLU A 256 6.63 17.14 -7.02
CA GLU A 256 8.05 17.33 -7.24
C GLU A 256 8.96 16.98 -6.10
N LYS A 257 8.54 17.15 -4.87
CA LYS A 257 9.42 16.78 -3.77
C LYS A 257 9.08 15.37 -3.19
N ASP A 258 8.23 14.60 -3.90
CA ASP A 258 7.92 13.26 -3.39
C ASP A 258 9.13 12.42 -3.80
N LEU A 259 10.14 12.40 -2.94
CA LEU A 259 11.39 11.69 -3.21
C LEU A 259 11.87 11.23 -1.85
N TRP A 260 12.79 10.27 -1.81
CA TRP A 260 13.31 9.79 -0.53
C TRP A 260 14.84 9.63 -0.54
N ASN A 261 15.50 10.20 0.45
CA ASN A 261 16.94 10.07 0.53
C ASN A 261 17.22 9.09 1.64
N CYS A 262 18.04 8.07 1.33
CA CYS A 262 18.44 7.09 2.35
C CYS A 262 19.58 7.69 3.19
N THR A 263 19.88 7.05 4.30
CA THR A 263 20.92 7.45 5.22
C THR A 263 21.98 6.34 5.32
N ARG A 264 23.22 6.66 4.98
CA ARG A 264 24.29 5.70 5.06
C ARG A 264 24.68 5.44 6.52
N PRO A 265 25.47 4.39 6.75
CA PRO A 265 25.88 4.13 8.14
C PRO A 265 26.59 5.37 8.73
N ASP A 266 27.41 6.06 7.94
CA ASP A 266 28.06 7.26 8.49
C ASP A 266 27.05 8.40 8.68
N GLY A 267 25.77 8.14 8.42
CA GLY A 267 24.75 9.15 8.62
C GLY A 267 24.46 10.15 7.49
N SER A 268 25.28 10.14 6.45
CA SER A 268 25.09 11.00 5.29
C SER A 268 23.88 10.50 4.54
N ARG A 269 23.35 11.31 3.61
CA ARG A 269 22.15 10.93 2.83
C ARG A 269 22.40 11.01 1.34
N PHE A 270 21.65 10.23 0.58
CA PHE A 270 21.71 10.21 -0.88
C PHE A 270 20.32 9.83 -1.39
N LEU A 271 19.98 10.28 -2.59
CA LEU A 271 18.69 9.99 -3.19
C LEU A 271 18.56 8.50 -3.56
N CYS A 272 17.49 7.83 -3.09
CA CYS A 272 17.40 6.42 -3.47
C CYS A 272 16.03 5.97 -3.93
N ALA A 273 15.10 6.93 -3.98
CA ALA A 273 13.76 6.62 -4.47
C ALA A 273 13.06 7.87 -4.99
N ASP A 274 12.54 7.77 -6.18
CA ASP A 274 11.80 8.88 -6.80
C ASP A 274 10.41 8.31 -7.09
N TYR A 275 9.38 8.85 -6.45
CA TYR A 275 8.03 8.30 -6.64
C TYR A 275 7.24 8.68 -7.91
N ARG A 276 7.78 9.58 -8.71
CA ARG A 276 7.12 9.93 -9.98
C ARG A 276 7.03 8.65 -10.85
N PRO A 277 8.19 8.03 -11.15
CA PRO A 277 8.15 6.82 -11.98
C PRO A 277 7.41 5.61 -11.39
N SER A 278 7.45 5.46 -10.09
CA SER A 278 6.79 4.33 -9.44
C SER A 278 5.26 4.50 -9.36
N THR A 279 4.75 5.74 -9.19
CA THR A 279 3.33 5.96 -9.16
C THR A 279 2.85 5.88 -10.62
N GLN A 280 3.68 6.38 -11.53
CA GLN A 280 3.30 6.29 -12.94
C GLN A 280 3.17 4.81 -13.34
N ALA A 281 4.18 4.02 -13.00
CA ALA A 281 4.24 2.60 -13.36
C ALA A 281 3.09 1.84 -12.77
N GLY A 282 2.73 2.12 -11.54
CA GLY A 282 1.61 1.40 -10.98
C GLY A 282 0.32 1.82 -11.66
N SER A 283 0.20 3.09 -12.04
CA SER A 283 -1.08 3.54 -12.63
C SER A 283 -1.21 2.93 -14.00
N ASN A 284 -0.06 2.71 -14.62
CA ASN A 284 -0.04 2.11 -15.95
C ASN A 284 -0.52 0.65 -15.87
N PHE A 285 0.01 -0.08 -14.90
CA PHE A 285 -0.36 -1.49 -14.81
C PHE A 285 -1.81 -1.61 -14.44
N PHE A 286 -2.23 -0.91 -13.40
CA PHE A 286 -3.61 -1.02 -12.99
C PHE A 286 -4.60 -0.44 -13.97
N SER A 287 -4.29 0.67 -14.62
CA SER A 287 -5.24 1.23 -15.59
C SER A 287 -5.49 0.30 -16.78
N ALA A 288 -4.49 -0.49 -17.18
CA ALA A 288 -4.65 -1.41 -18.30
C ALA A 288 -5.49 -2.62 -17.96
N GLN A 289 -5.72 -2.86 -16.69
CA GLN A 289 -6.48 -4.06 -16.27
C GLN A 289 -7.98 -3.88 -16.50
N PRO A 290 -8.61 -4.85 -17.19
CA PRO A 290 -10.05 -4.69 -17.44
C PRO A 290 -10.99 -4.65 -16.24
N ASP A 291 -10.71 -5.42 -15.20
CA ASP A 291 -11.59 -5.47 -14.02
C ASP A 291 -11.16 -4.53 -12.88
N VAL A 292 -10.30 -3.58 -13.23
CA VAL A 292 -9.80 -2.66 -12.25
C VAL A 292 -10.13 -1.19 -12.59
N VAL A 293 -10.54 -0.44 -11.57
CA VAL A 293 -10.78 0.98 -11.74
C VAL A 293 -9.54 1.58 -11.10
N HIS A 294 -8.83 2.44 -11.80
CA HIS A 294 -7.67 3.02 -11.19
C HIS A 294 -7.81 4.55 -11.19
N VAL A 295 -7.54 5.16 -10.04
CA VAL A 295 -7.63 6.60 -9.86
C VAL A 295 -6.21 7.12 -9.58
N ALA A 296 -5.82 8.09 -10.38
CA ALA A 296 -4.50 8.69 -10.21
C ALA A 296 -4.75 10.01 -9.52
N CYS A 297 -4.16 10.16 -8.33
CA CYS A 297 -4.28 11.40 -7.55
C CYS A 297 -2.91 12.00 -7.37
N SER A 298 -2.86 13.32 -7.51
CA SER A 298 -1.66 14.12 -7.32
C SER A 298 -1.91 15.23 -6.30
N SER A 299 -0.91 15.45 -5.45
CA SER A 299 -0.93 16.53 -4.48
C SER A 299 0.47 17.18 -4.50
N THR A 300 0.80 18.03 -3.53
CA THR A 300 2.06 18.76 -3.56
C THR A 300 2.74 18.72 -2.20
N HIS A 301 2.33 17.78 -1.38
CA HIS A 301 2.86 17.69 -0.04
C HIS A 301 4.23 16.98 0.10
N GLY A 302 4.76 16.42 -0.99
CA GLY A 302 6.04 15.74 -0.88
C GLY A 302 5.88 14.27 -0.51
N HIS A 303 6.85 13.72 0.22
CA HIS A 303 6.84 12.31 0.61
C HIS A 303 6.47 12.11 2.08
N MET A 304 5.18 11.94 2.35
CA MET A 304 4.68 11.79 3.72
C MET A 304 3.19 11.64 3.58
N TRP A 305 2.47 11.46 4.67
CA TRP A 305 1.04 11.29 4.53
C TRP A 305 0.48 12.61 4.05
N PRO A 306 -0.47 12.59 3.07
CA PRO A 306 -1.13 13.77 2.52
C PRO A 306 -1.31 14.80 3.64
N GLN A 307 -0.78 15.99 3.44
CA GLN A 307 -0.83 17.01 4.48
C GLN A 307 -1.96 18.03 4.35
N LEU A 308 -2.44 18.21 3.14
CA LEU A 308 -3.47 19.20 2.87
C LEU A 308 -4.85 18.63 3.14
N ASN A 309 -5.58 19.26 4.08
CA ASN A 309 -6.94 18.84 4.42
C ASN A 309 -6.89 17.32 4.62
N THR A 310 -6.02 16.88 5.50
CA THR A 310 -5.77 15.45 5.71
C THR A 310 -6.96 14.54 5.98
N GLN A 311 -7.82 14.94 6.91
CA GLN A 311 -8.97 14.11 7.24
C GLN A 311 -10.00 14.12 6.13
N GLU A 312 -10.22 15.28 5.48
CA GLU A 312 -11.13 15.36 4.32
C GLU A 312 -10.60 14.39 3.23
N PHE A 313 -9.28 14.35 3.10
CA PHE A 313 -8.70 13.49 2.09
C PHE A 313 -8.92 12.00 2.46
N ASN A 314 -8.64 11.64 3.72
CA ASN A 314 -8.82 10.25 4.17
C ASN A 314 -10.26 9.80 3.93
N ARG A 315 -11.22 10.66 4.31
CA ARG A 315 -12.66 10.40 4.16
C ARG A 315 -13.03 10.26 2.71
N TRP A 316 -12.59 11.22 1.89
CA TRP A 316 -12.88 11.17 0.44
C TRP A 316 -12.30 9.90 -0.22
N ALA A 317 -11.03 9.63 0.09
CA ALA A 317 -10.31 8.51 -0.49
C ALA A 317 -10.99 7.22 -0.14
N LEU A 318 -11.21 6.95 1.16
CA LEU A 318 -11.85 5.69 1.55
C LEU A 318 -13.31 5.55 1.08
N ASP A 319 -14.10 6.61 1.19
CA ASP A 319 -15.47 6.48 0.71
C ASP A 319 -15.44 6.27 -0.81
N THR A 320 -14.43 6.82 -1.51
CA THR A 320 -14.32 6.58 -2.95
C THR A 320 -14.08 5.10 -3.21
N LEU A 321 -13.13 4.52 -2.47
CA LEU A 321 -12.83 3.11 -2.62
C LEU A 321 -14.11 2.30 -2.32
N ALA A 322 -14.81 2.65 -1.25
CA ALA A 322 -16.03 1.99 -0.80
C ALA A 322 -17.21 2.09 -1.81
N SER A 323 -17.16 3.06 -2.72
CA SER A 323 -18.22 3.24 -3.72
C SER A 323 -18.05 2.20 -4.85
N HIS A 324 -16.98 1.41 -4.78
CA HIS A 324 -16.71 0.39 -5.78
C HIS A 324 -16.52 -0.96 -5.12
N PRO A 325 -17.58 -1.51 -4.49
CA PRO A 325 -17.41 -2.83 -3.84
C PRO A 325 -16.83 -3.87 -4.85
N LYS A 326 -16.06 -4.85 -4.34
CA LYS A 326 -15.43 -5.83 -5.19
C LYS A 326 -16.42 -6.51 -6.17
N GLY A 327 -16.07 -6.52 -7.44
CA GLY A 327 -16.97 -7.11 -8.42
C GLY A 327 -17.88 -6.11 -9.13
N SER A 328 -17.76 -4.82 -8.82
CA SER A 328 -18.59 -3.84 -9.48
C SER A 328 -18.02 -3.59 -10.87
N ASP A 329 -18.86 -3.09 -11.76
CA ASP A 329 -18.46 -2.83 -13.15
C ASP A 329 -17.67 -1.53 -13.25
N PRO A 330 -16.45 -1.57 -13.81
CA PRO A 330 -15.72 -0.32 -13.89
C PRO A 330 -16.48 0.80 -14.61
N ARG A 331 -17.30 0.43 -15.57
CA ARG A 331 -18.02 1.42 -16.34
C ARG A 331 -19.01 2.23 -15.53
N SER A 332 -19.49 1.70 -14.42
CA SER A 332 -20.46 2.43 -13.63
C SER A 332 -19.81 3.29 -12.52
N PHE A 333 -18.51 3.15 -12.32
CA PHE A 333 -17.86 3.96 -11.29
C PHE A 333 -17.96 5.46 -11.66
N LYS A 334 -18.22 6.32 -10.69
CA LYS A 334 -18.29 7.76 -10.93
C LYS A 334 -17.47 8.45 -9.88
N LEU A 335 -16.40 9.10 -10.32
CA LEU A 335 -15.49 9.79 -9.40
C LEU A 335 -16.04 11.11 -8.92
N THR A 336 -15.94 11.40 -7.61
CA THR A 336 -16.42 12.68 -7.16
C THR A 336 -15.19 13.52 -6.93
N GLN A 337 -15.35 14.83 -6.89
CA GLN A 337 -14.21 15.72 -6.73
C GLN A 337 -13.46 15.60 -5.39
N PRO A 338 -12.12 15.58 -5.42
CA PRO A 338 -11.36 15.46 -4.16
C PRO A 338 -11.27 16.79 -3.40
N PRO A 339 -10.74 16.76 -2.17
CA PRO A 339 -10.59 17.97 -1.36
C PRO A 339 -9.66 18.94 -2.05
N GLU A 340 -9.72 20.19 -1.64
CA GLU A 340 -8.84 21.18 -2.23
C GLU A 340 -7.41 20.72 -1.95
N GLY A 341 -6.54 20.89 -2.93
CA GLY A 341 -5.15 20.50 -2.82
C GLY A 341 -4.81 19.16 -3.51
N TYR A 342 -5.81 18.55 -4.15
CA TYR A 342 -5.65 17.29 -4.82
C TYR A 342 -6.27 17.36 -6.20
N THR A 343 -5.58 16.70 -7.15
CA THR A 343 -6.04 16.55 -8.55
C THR A 343 -6.17 15.03 -8.84
N CYS A 344 -7.35 14.58 -9.17
CA CYS A 344 -7.52 13.16 -9.43
C CYS A 344 -8.39 12.91 -10.64
N HIS A 345 -8.18 11.75 -11.25
CA HIS A 345 -9.01 11.34 -12.38
C HIS A 345 -8.77 9.85 -12.58
N VAL A 346 -9.70 9.19 -13.26
CA VAL A 346 -9.60 7.77 -13.50
C VAL A 346 -8.61 7.55 -14.65
N GLY A 347 -7.79 6.51 -14.55
CA GLY A 347 -6.86 6.19 -15.63
C GLY A 347 -5.42 6.36 -15.15
N PRO A 348 -4.44 6.31 -16.07
CA PRO A 348 -3.03 6.48 -15.66
C PRO A 348 -2.68 7.94 -15.35
N PHE A 349 -1.55 8.15 -14.67
CA PHE A 349 -1.11 9.51 -14.45
C PHE A 349 -0.80 10.07 -15.87
N THR A 350 -1.09 11.33 -16.08
CA THR A 350 -0.82 11.91 -17.39
C THR A 350 0.02 13.16 -17.21
N GLY A 351 0.07 13.69 -15.99
CA GLY A 351 0.83 14.92 -15.76
C GLY A 351 2.26 14.80 -15.30
N LEU A 352 2.76 13.57 -15.14
CA LEU A 352 4.13 13.34 -14.65
C LEU A 352 5.17 13.36 -15.73
N TYR A 353 4.76 13.02 -16.96
CA TYR A 353 5.69 12.99 -18.11
C TYR A 353 4.99 13.55 -19.34
N ALA A 354 5.80 14.16 -20.21
CA ALA A 354 5.28 14.71 -21.47
C ALA A 354 4.74 13.58 -22.35
N SER A 355 3.63 13.83 -23.04
CA SER A 355 3.08 12.80 -23.91
C SER A 355 3.93 12.79 -25.18
N ALA A 356 3.94 11.63 -25.85
CA ALA A 356 4.69 11.46 -27.08
C ALA A 356 4.24 12.50 -28.12
N TRP A 357 2.93 12.73 -28.21
CA TRP A 357 2.38 13.69 -29.17
C TRP A 357 2.91 15.09 -28.81
N SER A 358 4.00 15.09 -28.03
CA SER A 358 4.72 16.27 -27.52
C SER A 358 3.82 17.38 -27.06
C1 AE3 B . 17.20 0.82 -2.66
C2 AE3 B . 16.01 0.58 -1.77
O2 AE3 B . 15.63 1.83 -1.19
C3 AE3 B . 14.21 1.88 -1.18
C4 AE3 B . 13.72 3.06 -0.35
O3 AE3 B . 12.28 3.04 -0.27
C5 AE3 B . 11.88 3.80 0.89
C6 AE3 B . 10.35 3.69 1.08
O4 AE3 B . 9.65 3.60 -0.21
#